data_6IRL
#
_entry.id   6IRL
#
_cell.length_a   47.103
_cell.length_b   75.009
_cell.length_c   101.896
_cell.angle_alpha   90.00
_cell.angle_beta   90.00
_cell.angle_gamma   90.00
#
_symmetry.space_group_name_H-M   'P 21 21 21'
#
loop_
_entity.id
_entity.type
_entity.pdbx_description
1 polymer 'MHC class I molecule'
2 polymer Beta-2-microglobulin
3 polymer ARG-ARG-GLU-VAL-HIS-THR-TYR-TYR
4 water water
#
loop_
_entity_poly.entity_id
_entity_poly.type
_entity_poly.pdbx_seq_one_letter_code
_entity_poly.pdbx_strand_id
1 'polypeptide(L)'
;MEFELHTLRYISTAMTDPGPGQPWYVDVGYVDGELFTHYNSTARRAVPRTEWIAANTDQQYWDSETQTSQRTEQIDRDGL
GTLQRRYNQTGGSHTVQLMYGCDILEDGTIRGYSQDAYDGRDFIAFDKDTMTFTAAVPEAVPTKRKWEEGDYAEGLKQYL
EETCVEWLRRYVEYGKAELGRRERPEVRVWGKEADGILTLSCRAHGFYPRPIAVSWLKDGAVQGQDAQSGGIVPNGDGTY
HTWVTIDAQPGDGDKYQCRVEHASLPQPGLYSW
;
A
2 'polypeptide(L)'
;MEFDLTPKVQVYSRFPASAGTKNVLNCFAAGFHPPKISITLMKDGVPMEGAQYSDMSFNDDWTFQRLVHADFTPSSGSTY
ACKVEHETLKEPQVYKWDPEF
;
B
3 'polypeptide(L)' RREVHTYY C
#
# COMPACT_ATOMS: atom_id res chain seq x y z
N GLU A 2 16.56 -6.33 -3.80
CA GLU A 2 15.54 -5.89 -4.74
C GLU A 2 16.16 -5.59 -6.11
N PHE A 3 15.66 -6.27 -7.14
CA PHE A 3 16.20 -6.14 -8.49
C PHE A 3 15.86 -4.81 -9.14
N GLU A 4 14.72 -4.24 -8.78
CA GLU A 4 14.26 -2.99 -9.38
C GLU A 4 14.86 -1.76 -8.71
N LEU A 5 15.50 -0.91 -9.51
CA LEU A 5 16.12 0.32 -9.01
C LEU A 5 15.09 1.42 -8.83
N HIS A 6 14.32 1.68 -9.89
CA HIS A 6 13.26 2.69 -9.83
C HIS A 6 11.97 2.17 -10.45
N THR A 7 10.84 2.68 -9.98
CA THR A 7 9.53 2.25 -10.48
C THR A 7 8.57 3.42 -10.59
N LEU A 8 7.72 3.37 -11.61
CA LEU A 8 6.60 4.29 -11.74
C LEU A 8 5.34 3.45 -11.88
N ARG A 9 4.39 3.66 -10.98
CA ARG A 9 3.15 2.87 -11.01
C ARG A 9 1.91 3.72 -10.77
N TYR A 10 0.97 3.65 -11.72
CA TYR A 10 -0.33 4.30 -11.55
C TYR A 10 -1.38 3.23 -11.38
N ILE A 11 -2.27 3.44 -10.41
CA ILE A 11 -3.37 2.51 -10.18
C ILE A 11 -4.68 3.25 -10.08
N SER A 12 -5.74 2.59 -10.36
CA SER A 12 -7.00 3.18 -10.11
C SER A 12 -8.05 2.15 -9.77
N THR A 13 -9.06 2.65 -9.10
CA THR A 13 -10.14 1.81 -8.59
C THR A 13 -11.48 2.47 -8.90
N ALA A 14 -12.39 1.69 -9.47
CA ALA A 14 -13.77 2.12 -9.63
C ALA A 14 -14.65 1.12 -8.89
N MET A 15 -15.62 1.63 -8.12
CA MET A 15 -16.48 0.76 -7.33
C MET A 15 -17.94 1.19 -7.38
N THR A 16 -18.83 0.22 -7.28
CA THR A 16 -20.26 0.50 -7.20
C THR A 16 -20.67 0.82 -5.77
N ASP A 17 -19.82 0.41 -4.81
CA ASP A 17 -20.17 0.52 -3.40
C ASP A 17 -19.01 1.03 -2.54
N PRO A 18 -18.65 2.30 -2.74
CA PRO A 18 -17.50 2.92 -2.07
C PRO A 18 -17.66 2.95 -0.58
N GLY A 19 -18.90 3.15 -0.19
CA GLY A 19 -19.28 3.56 1.11
C GLY A 19 -19.87 4.94 1.10
N PRO A 20 -20.59 5.22 2.17
CA PRO A 20 -21.34 6.44 2.29
C PRO A 20 -20.47 7.62 2.33
N GLY A 21 -20.66 8.38 1.29
CA GLY A 21 -19.94 9.64 1.12
C GLY A 21 -18.54 9.46 0.56
N GLN A 22 -18.12 8.22 0.37
CA GLN A 22 -16.81 7.93 -0.14
C GLN A 22 -16.79 8.01 -1.67
N PRO A 23 -15.69 8.47 -2.25
CA PRO A 23 -15.60 8.58 -3.70
C PRO A 23 -15.61 7.22 -4.38
N TRP A 24 -16.38 7.08 -5.44
CA TRP A 24 -16.52 5.80 -6.14
C TRP A 24 -15.34 5.53 -7.07
N TYR A 25 -14.60 6.57 -7.41
CA TYR A 25 -13.41 6.42 -8.26
C TYR A 25 -12.19 7.10 -7.65
N VAL A 26 -11.09 6.35 -7.55
CA VAL A 26 -9.84 6.86 -7.01
C VAL A 26 -8.65 6.38 -7.83
N ASP A 27 -7.77 7.30 -8.16
CA ASP A 27 -6.50 6.97 -8.80
C ASP A 27 -5.27 7.60 -8.15
N VAL A 28 -4.20 6.85 -8.06
CA VAL A 28 -3.00 7.38 -7.42
C VAL A 28 -1.76 6.92 -8.17
N GLY A 29 -0.66 7.62 -7.95
CA GLY A 29 0.61 7.28 -8.60
C GLY A 29 1.75 7.17 -7.61
N TYR A 30 2.62 6.19 -7.82
CA TYR A 30 3.75 5.97 -6.94
C TYR A 30 5.08 6.02 -7.69
N VAL A 31 6.07 6.67 -7.09
CA VAL A 31 7.44 6.62 -7.59
C VAL A 31 8.33 5.96 -6.55
N ASP A 32 8.94 4.84 -6.91
CA ASP A 32 9.73 4.05 -5.99
C ASP A 32 8.93 3.71 -4.73
N GLY A 33 7.63 3.45 -4.93
CA GLY A 33 6.76 3.07 -3.83
C GLY A 33 6.19 4.23 -3.04
N GLU A 34 6.62 5.44 -3.33
CA GLU A 34 6.12 6.64 -2.65
C GLU A 34 5.01 7.34 -3.38
N LEU A 35 3.85 7.44 -2.76
CA LEU A 35 2.71 8.15 -3.32
C LEU A 35 3.07 9.59 -3.68
N PHE A 36 2.89 9.97 -4.94
CA PHE A 36 3.27 11.32 -5.36
C PHE A 36 2.15 12.10 -6.05
N THR A 37 1.05 11.42 -6.37
CA THR A 37 -0.11 12.11 -6.96
C THR A 37 -1.42 11.39 -6.66
N HIS A 38 -2.52 12.13 -6.68
CA HIS A 38 -3.83 11.58 -6.35
C HIS A 38 -4.98 12.30 -7.06
N TYR A 39 -6.03 11.53 -7.33
CA TYR A 39 -7.26 12.05 -7.93
C TYR A 39 -8.42 11.19 -7.48
N ASN A 40 -9.59 11.80 -7.29
CA ASN A 40 -10.82 11.03 -7.07
C ASN A 40 -12.04 11.72 -7.68
N SER A 41 -13.12 10.96 -7.82
CA SER A 41 -14.31 11.42 -8.52
C SER A 41 -15.08 12.50 -7.77
N THR A 42 -14.64 12.82 -6.57
CA THR A 42 -15.28 13.88 -5.78
C THR A 42 -14.56 15.21 -6.02
N ALA A 43 -13.29 15.26 -5.66
CA ALA A 43 -12.47 16.45 -5.89
C ALA A 43 -12.41 16.81 -7.38
N ARG A 44 -12.39 15.81 -8.23
CA ARG A 44 -12.32 15.98 -9.66
C ARG A 44 -11.02 16.69 -10.10
N ARG A 45 -9.97 16.54 -9.32
CA ARG A 45 -8.70 17.23 -9.56
C ARG A 45 -7.51 16.31 -9.32
N ALA A 46 -6.59 16.27 -10.28
CA ALA A 46 -5.32 15.58 -10.08
C ALA A 46 -4.40 16.49 -9.26
N VAL A 47 -3.88 16.00 -8.17
CA VAL A 47 -3.11 16.81 -7.25
C VAL A 47 -1.75 16.21 -6.87
N PRO A 48 -0.81 17.07 -6.55
CA PRO A 48 0.51 16.64 -6.08
C PRO A 48 0.44 16.09 -4.66
N ARG A 49 1.26 15.12 -4.36
CA ARG A 49 1.29 14.51 -3.05
C ARG A 49 2.67 14.49 -2.40
N THR A 50 3.63 15.04 -3.09
CA THR A 50 4.95 15.27 -2.51
C THR A 50 5.40 16.69 -2.82
N GLU A 51 6.32 17.22 -2.02
CA GLU A 51 6.87 18.54 -2.28
C GLU A 51 7.67 18.56 -3.57
N TRP A 52 8.47 17.53 -3.80
CA TRP A 52 9.35 17.49 -4.97
C TRP A 52 8.59 17.42 -6.30
N ILE A 53 7.38 16.88 -6.28
CA ILE A 53 6.57 16.89 -7.50
C ILE A 53 5.96 18.27 -7.72
N ALA A 54 5.44 18.86 -6.67
CA ALA A 54 4.86 20.20 -6.77
C ALA A 54 5.90 21.23 -7.19
N ALA A 55 7.12 21.07 -6.69
CA ALA A 55 8.18 22.05 -6.94
C ALA A 55 8.72 22.01 -8.38
N ASN A 56 8.40 20.94 -9.10
CA ASN A 56 8.94 20.75 -10.45
C ASN A 56 7.86 20.63 -11.54
N THR A 57 6.63 20.99 -11.18
CA THR A 57 5.53 20.97 -12.14
C THR A 57 4.78 22.29 -12.08
N ASP A 58 4.12 22.64 -13.18
CA ASP A 58 3.31 23.85 -13.21
C ASP A 58 1.84 23.51 -13.38
N GLN A 59 1.00 24.52 -13.57
CA GLN A 59 -0.44 24.32 -13.63
C GLN A 59 -0.89 23.53 -14.86
N GLN A 60 -0.23 23.76 -15.99
CA GLN A 60 -0.60 23.03 -17.20
C GLN A 60 -0.30 21.54 -17.02
N TYR A 61 0.73 21.23 -16.24
CA TYR A 61 1.02 19.84 -15.93
C TYR A 61 -0.17 19.20 -15.21
N TRP A 62 -0.67 19.89 -14.18
CA TRP A 62 -1.76 19.33 -13.38
C TRP A 62 -3.12 19.40 -14.10
N ASP A 63 -3.27 20.36 -15.00
CA ASP A 63 -4.46 20.41 -15.85
C ASP A 63 -4.50 19.18 -16.75
N SER A 64 -3.33 18.81 -17.28
CA SER A 64 -3.23 17.64 -18.14
C SER A 64 -3.52 16.35 -17.38
N GLU A 65 -2.99 16.25 -16.16
CA GLU A 65 -3.24 15.07 -15.32
C GLU A 65 -4.70 15.00 -14.95
N THR A 66 -5.28 16.15 -14.62
CA THR A 66 -6.70 16.23 -14.32
C THR A 66 -7.54 15.77 -15.50
N GLN A 67 -7.22 16.28 -16.69
CA GLN A 67 -7.94 15.90 -17.90
C GLN A 67 -7.85 14.39 -18.14
N THR A 68 -6.65 13.84 -17.98
CA THR A 68 -6.43 12.40 -18.14
C THR A 68 -7.24 11.60 -17.12
N SER A 69 -7.22 12.04 -15.87
CA SER A 69 -7.95 11.35 -14.80
C SER A 69 -9.47 11.41 -15.01
N GLN A 70 -9.97 12.57 -15.41
CA GLN A 70 -11.40 12.72 -15.66
C GLN A 70 -11.86 11.82 -16.81
N ARG A 71 -10.98 11.58 -17.75
CA ARG A 71 -11.22 10.69 -18.84
C ARG A 71 -11.25 9.23 -18.40
N THR A 72 -10.32 8.90 -17.53
CA THR A 72 -10.25 7.55 -16.98
C THR A 72 -11.47 7.29 -16.10
N GLU A 73 -11.91 8.30 -15.36
CA GLU A 73 -13.12 8.20 -14.56
C GLU A 73 -14.30 7.89 -15.48
N GLN A 74 -14.37 8.64 -16.58
CA GLN A 74 -15.41 8.45 -17.58
C GLN A 74 -15.41 7.02 -18.12
N ILE A 75 -14.28 6.54 -18.55
CA ILE A 75 -14.12 5.19 -19.01
C ILE A 75 -14.57 4.16 -17.97
N ASP A 76 -14.22 4.38 -16.73
CA ASP A 76 -14.61 3.48 -15.65
C ASP A 76 -16.10 3.54 -15.32
N ARG A 77 -16.69 4.72 -15.44
CA ARG A 77 -18.11 4.88 -15.16
C ARG A 77 -18.92 4.00 -16.10
N ASP A 78 -18.55 4.01 -17.38
CA ASP A 78 -19.12 3.09 -18.36
C ASP A 78 -18.72 1.65 -18.05
N GLY A 79 -17.43 1.46 -17.77
CA GLY A 79 -16.87 0.15 -17.51
C GLY A 79 -17.66 -0.69 -16.51
N LEU A 80 -17.97 -0.10 -15.36
CA LEU A 80 -18.73 -0.81 -14.34
C LEU A 80 -20.01 -1.40 -14.91
N GLY A 81 -20.69 -0.63 -15.76
CA GLY A 81 -21.89 -1.11 -16.42
C GLY A 81 -21.59 -2.20 -17.43
N THR A 82 -20.63 -1.93 -18.32
CA THR A 82 -20.25 -2.88 -19.36
C THR A 82 -19.91 -4.26 -18.80
N LEU A 83 -19.11 -4.28 -17.73
CA LEU A 83 -18.65 -5.56 -17.18
C LEU A 83 -19.74 -6.27 -16.38
N GLN A 84 -20.58 -5.54 -15.66
CA GLN A 84 -21.71 -6.09 -14.98
C GLN A 84 -22.59 -6.78 -16.00
N ARG A 85 -22.83 -6.09 -17.12
CA ARG A 85 -23.65 -6.63 -18.19
C ARG A 85 -23.05 -7.93 -18.73
N ARG A 86 -21.73 -7.95 -18.87
CA ARG A 86 -21.06 -9.11 -19.45
C ARG A 86 -21.02 -10.29 -18.49
N TYR A 87 -21.09 -10.02 -17.20
CA TYR A 87 -21.16 -11.07 -16.18
C TYR A 87 -22.60 -11.36 -15.80
N ASN A 88 -23.54 -10.77 -16.52
CA ASN A 88 -24.96 -10.95 -16.24
C ASN A 88 -25.31 -10.61 -14.79
N GLN A 89 -24.76 -9.49 -14.32
CA GLN A 89 -24.98 -9.04 -12.95
C GLN A 89 -25.74 -7.71 -12.92
N THR A 90 -26.47 -7.49 -11.83
CA THR A 90 -27.14 -6.22 -11.60
C THR A 90 -26.90 -5.81 -10.17
N GLY A 91 -26.65 -4.52 -9.95
CA GLY A 91 -26.41 -4.00 -8.61
C GLY A 91 -25.32 -4.77 -7.87
N GLY A 92 -25.35 -4.67 -6.54
CA GLY A 92 -24.37 -5.35 -5.72
C GLY A 92 -23.05 -4.60 -5.68
N SER A 93 -22.02 -5.25 -5.12
CA SER A 93 -20.71 -4.63 -4.96
C SER A 93 -19.73 -5.12 -6.01
N HIS A 94 -19.30 -4.22 -6.88
CA HIS A 94 -18.37 -4.58 -7.94
C HIS A 94 -17.26 -3.55 -8.07
N THR A 95 -16.11 -3.99 -8.59
CA THR A 95 -14.96 -3.12 -8.73
C THR A 95 -14.23 -3.33 -10.05
N VAL A 96 -13.67 -2.25 -10.56
CA VAL A 96 -12.76 -2.33 -11.70
C VAL A 96 -11.43 -1.73 -11.28
N GLN A 97 -10.35 -2.46 -11.54
CA GLN A 97 -9.03 -2.01 -11.12
C GLN A 97 -8.07 -1.99 -12.30
N LEU A 98 -7.26 -0.93 -12.36
CA LEU A 98 -6.24 -0.81 -13.39
C LEU A 98 -4.90 -0.56 -12.73
N MET A 99 -3.88 -1.19 -13.22
CA MET A 99 -2.53 -1.04 -12.71
C MET A 99 -1.54 -1.06 -13.87
N TYR A 100 -0.74 -0.03 -13.98
CA TYR A 100 0.20 0.07 -15.09
C TYR A 100 1.40 0.94 -14.73
N GLY A 101 2.47 0.81 -15.49
CA GLY A 101 3.66 1.61 -15.27
C GLY A 101 4.91 0.94 -15.81
N CYS A 102 6.06 1.39 -15.33
CA CYS A 102 7.34 0.89 -15.82
C CYS A 102 8.35 0.69 -14.69
N ASP A 103 9.28 -0.22 -14.91
CA ASP A 103 10.33 -0.52 -13.94
C ASP A 103 11.71 -0.42 -14.57
N ILE A 104 12.62 0.27 -13.89
CA ILE A 104 14.02 0.30 -14.27
C ILE A 104 14.78 -0.60 -13.31
N LEU A 105 15.27 -1.73 -13.81
CA LEU A 105 15.93 -2.72 -12.97
C LEU A 105 17.39 -2.38 -12.69
N GLU A 106 18.07 -3.31 -12.02
CA GLU A 106 19.49 -3.15 -11.70
C GLU A 106 20.73 -3.10 -12.60
N ASP A 107 20.51 -3.27 -13.90
CA ASP A 107 21.56 -3.19 -14.92
C ASP A 107 21.19 -2.35 -16.14
N GLY A 108 19.98 -1.80 -16.13
CA GLY A 108 19.52 -0.96 -17.23
C GLY A 108 18.29 -1.53 -17.91
N THR A 109 17.95 -2.77 -17.60
CA THR A 109 16.78 -3.43 -18.15
C THR A 109 15.51 -2.64 -17.84
N ILE A 110 14.58 -2.60 -18.79
CA ILE A 110 13.34 -1.87 -18.61
C ILE A 110 12.12 -2.78 -18.70
N ARG A 111 11.19 -2.63 -17.76
CA ARG A 111 9.95 -3.40 -17.76
C ARG A 111 8.74 -2.49 -17.92
N GLY A 112 7.72 -2.98 -18.62
CA GLY A 112 6.49 -2.23 -18.82
C GLY A 112 5.28 -3.13 -18.72
N TYR A 113 4.25 -2.66 -18.02
CA TYR A 113 3.06 -3.47 -17.80
C TYR A 113 1.78 -2.65 -17.73
N SER A 114 0.66 -3.31 -18.02
CA SER A 114 -0.66 -2.72 -17.86
C SER A 114 -1.67 -3.85 -17.75
N GLN A 115 -2.34 -3.92 -16.60
CA GLN A 115 -3.28 -5.01 -16.36
C GLN A 115 -4.52 -4.56 -15.59
N ASP A 116 -5.62 -5.26 -15.82
CA ASP A 116 -6.91 -4.89 -15.25
C ASP A 116 -7.53 -6.05 -14.50
N ALA A 117 -8.36 -5.73 -13.51
CA ALA A 117 -9.04 -6.75 -12.72
C ALA A 117 -10.50 -6.37 -12.50
N TYR A 118 -11.37 -7.36 -12.49
CA TYR A 118 -12.78 -7.15 -12.16
C TYR A 118 -13.12 -7.93 -10.89
N ASP A 119 -13.80 -7.25 -9.98
CA ASP A 119 -14.12 -7.84 -8.68
C ASP A 119 -12.89 -8.51 -8.05
N GLY A 120 -11.78 -7.79 -8.07
CA GLY A 120 -10.52 -8.22 -7.55
C GLY A 120 -9.87 -9.45 -8.14
N ARG A 121 -10.28 -9.85 -9.33
CA ARG A 121 -9.73 -11.00 -10.03
C ARG A 121 -9.18 -10.58 -11.38
N ASP A 122 -8.10 -11.23 -11.83
CA ASP A 122 -7.52 -10.95 -13.14
C ASP A 122 -8.60 -10.94 -14.22
N PHE A 123 -8.64 -9.87 -15.01
CA PHE A 123 -9.58 -9.77 -16.12
C PHE A 123 -8.85 -9.77 -17.45
N ILE A 124 -7.85 -8.91 -17.57
CA ILE A 124 -7.09 -8.80 -18.81
C ILE A 124 -5.76 -8.09 -18.55
N ALA A 125 -4.73 -8.45 -19.33
CA ALA A 125 -3.41 -7.87 -19.17
C ALA A 125 -2.73 -7.64 -20.51
N PHE A 126 -1.98 -6.55 -20.61
CA PHE A 126 -1.27 -6.23 -21.84
C PHE A 126 -0.04 -7.12 -22.00
N ASP A 127 0.19 -7.59 -23.23
CA ASP A 127 1.39 -8.34 -23.57
C ASP A 127 2.15 -7.55 -24.62
N LYS A 128 2.89 -6.57 -24.14
CA LYS A 128 3.54 -5.69 -25.07
C LYS A 128 4.57 -6.37 -25.97
N ASP A 129 5.14 -7.48 -25.57
CA ASP A 129 6.08 -8.25 -26.38
C ASP A 129 5.45 -8.68 -27.72
N THR A 130 4.17 -9.06 -27.67
CA THR A 130 3.46 -9.51 -28.86
C THR A 130 2.40 -8.50 -29.29
N MET A 131 2.36 -7.37 -28.60
CA MET A 131 1.34 -6.35 -28.83
C MET A 131 -0.06 -6.95 -28.94
N THR A 132 -0.42 -7.78 -27.97
CA THR A 132 -1.77 -8.29 -27.86
C THR A 132 -2.19 -8.19 -26.40
N PHE A 133 -3.48 -8.39 -26.14
CA PHE A 133 -3.96 -8.40 -24.77
C PHE A 133 -4.35 -9.80 -24.36
N THR A 134 -4.00 -10.17 -23.13
CA THR A 134 -4.20 -11.51 -22.63
C THR A 134 -5.47 -11.59 -21.80
N ALA A 135 -6.49 -12.24 -22.36
CA ALA A 135 -7.77 -12.40 -21.66
C ALA A 135 -7.65 -13.49 -20.60
N ALA A 136 -7.98 -13.14 -19.36
CA ALA A 136 -7.92 -14.10 -18.27
C ALA A 136 -9.17 -14.96 -18.22
N VAL A 137 -10.29 -14.41 -18.68
CA VAL A 137 -11.57 -15.11 -18.65
C VAL A 137 -12.35 -14.81 -19.92
N PRO A 138 -13.29 -15.71 -20.28
CA PRO A 138 -14.11 -15.53 -21.48
C PRO A 138 -14.76 -14.15 -21.53
N GLU A 139 -15.17 -13.62 -20.38
CA GLU A 139 -15.82 -12.31 -20.33
C GLU A 139 -14.89 -11.19 -20.79
N ALA A 140 -13.61 -11.49 -20.90
CA ALA A 140 -12.63 -10.48 -21.31
C ALA A 140 -12.35 -10.49 -22.81
N VAL A 141 -12.78 -11.56 -23.48
CA VAL A 141 -12.55 -11.70 -24.92
C VAL A 141 -13.06 -10.50 -25.75
N PRO A 142 -14.29 -10.04 -25.48
CA PRO A 142 -14.79 -8.88 -26.23
C PRO A 142 -13.93 -7.64 -26.01
N THR A 143 -13.37 -7.50 -24.81
CA THR A 143 -12.50 -6.37 -24.52
C THR A 143 -11.18 -6.52 -25.26
N LYS A 144 -10.64 -7.74 -25.23
CA LYS A 144 -9.43 -8.06 -25.98
C LYS A 144 -9.58 -7.66 -27.45
N ARG A 145 -10.69 -8.10 -28.04
CA ARG A 145 -11.04 -7.82 -29.43
C ARG A 145 -11.11 -6.31 -29.73
N LYS A 146 -11.75 -5.58 -28.86
CA LYS A 146 -11.86 -4.16 -28.93
C LYS A 146 -10.53 -3.50 -28.93
N TRP A 147 -9.71 -3.86 -27.96
CA TRP A 147 -8.41 -3.21 -27.76
C TRP A 147 -7.37 -3.56 -28.82
N GLU A 148 -7.54 -4.71 -29.48
CA GLU A 148 -6.58 -5.12 -30.49
C GLU A 148 -6.94 -4.55 -31.87
N GLU A 149 -8.05 -3.83 -31.94
CA GLU A 149 -8.43 -3.06 -33.10
C GLU A 149 -7.73 -1.72 -33.13
N GLY A 150 -7.32 -1.24 -34.30
CA GLY A 150 -6.72 0.07 -34.44
C GLY A 150 -5.33 0.18 -33.83
N ASP A 151 -4.93 1.40 -33.50
CA ASP A 151 -3.56 1.65 -33.05
C ASP A 151 -3.45 1.81 -31.54
N TYR A 152 -4.47 1.37 -30.81
CA TYR A 152 -4.46 1.48 -29.35
C TYR A 152 -3.27 0.75 -28.73
N ALA A 153 -3.09 -0.51 -29.12
CA ALA A 153 -1.98 -1.31 -28.61
C ALA A 153 -0.63 -0.65 -28.89
N GLU A 154 -0.50 -0.07 -30.09
CA GLU A 154 0.74 0.60 -30.47
C GLU A 154 1.04 1.78 -29.55
N GLY A 155 0.01 2.58 -29.26
CA GLY A 155 0.18 3.71 -28.37
C GLY A 155 0.49 3.31 -26.95
N LEU A 156 -0.15 2.24 -26.48
CA LEU A 156 0.09 1.76 -25.12
C LEU A 156 1.52 1.27 -24.95
N LYS A 157 2.01 0.52 -25.94
CA LYS A 157 3.40 0.07 -25.93
C LYS A 157 4.36 1.25 -25.93
N GLN A 158 4.07 2.23 -26.78
CA GLN A 158 4.90 3.43 -26.86
C GLN A 158 4.97 4.14 -25.52
N TYR A 159 3.82 4.29 -24.87
CA TYR A 159 3.81 4.92 -23.55
C TYR A 159 4.66 4.15 -22.55
N LEU A 160 4.43 2.84 -22.46
CA LEU A 160 5.12 2.01 -21.47
C LEU A 160 6.64 2.00 -21.65
N GLU A 161 7.09 1.96 -22.91
CA GLU A 161 8.52 1.82 -23.21
C GLU A 161 9.25 3.16 -23.30
N GLU A 162 8.53 4.22 -23.65
CA GLU A 162 9.17 5.52 -23.85
C GLU A 162 8.67 6.57 -22.87
N THR A 163 7.42 6.99 -23.03
CA THR A 163 6.85 8.04 -22.20
C THR A 163 6.97 7.74 -20.70
N CYS A 164 6.50 6.56 -20.29
CA CYS A 164 6.53 6.18 -18.88
C CYS A 164 7.94 6.32 -18.32
N VAL A 165 8.90 5.73 -19.00
CA VAL A 165 10.29 5.74 -18.55
C VAL A 165 10.84 7.16 -18.48
N GLU A 166 10.63 7.91 -19.53
CA GLU A 166 11.05 9.30 -19.65
C GLU A 166 10.67 10.09 -18.39
N TRP A 167 9.43 9.94 -17.98
CA TRP A 167 8.92 10.67 -16.83
C TRP A 167 9.40 10.09 -15.50
N LEU A 168 9.56 8.77 -15.46
CA LEU A 168 10.10 8.13 -14.26
C LEU A 168 11.48 8.70 -13.93
N ARG A 169 12.31 8.86 -14.96
CA ARG A 169 13.65 9.39 -14.76
C ARG A 169 13.61 10.84 -14.30
N ARG A 170 12.62 11.60 -14.77
CA ARG A 170 12.44 12.97 -14.32
C ARG A 170 12.03 13.00 -12.85
N TYR A 171 11.02 12.21 -12.50
CA TYR A 171 10.54 12.18 -11.11
C TYR A 171 11.66 11.75 -10.16
N VAL A 172 12.40 10.73 -10.54
CA VAL A 172 13.52 10.25 -9.73
C VAL A 172 14.54 11.38 -9.54
N GLU A 173 14.76 12.20 -10.55
CA GLU A 173 15.61 13.36 -10.47
C GLU A 173 14.99 14.41 -9.56
N TYR A 174 13.70 14.67 -9.74
CA TYR A 174 13.02 15.69 -8.94
C TYR A 174 13.15 15.44 -7.43
N GLY A 175 12.93 14.21 -7.02
CA GLY A 175 12.90 13.91 -5.60
C GLY A 175 14.03 13.03 -5.10
N LYS A 176 15.18 13.08 -5.76
CA LYS A 176 16.29 12.21 -5.38
C LYS A 176 16.74 12.43 -3.94
N ALA A 177 16.60 13.66 -3.45
CA ALA A 177 16.97 13.97 -2.06
C ALA A 177 16.13 13.17 -1.07
N GLU A 178 14.83 13.08 -1.30
CA GLU A 178 13.94 12.23 -0.52
C GLU A 178 14.01 10.76 -0.90
N LEU A 179 13.85 10.48 -2.17
CA LEU A 179 13.75 9.11 -2.64
C LEU A 179 15.04 8.34 -2.41
N GLY A 180 16.17 9.05 -2.43
CA GLY A 180 17.46 8.41 -2.31
C GLY A 180 18.02 8.44 -0.91
N ARG A 181 17.23 8.91 0.04
CA ARG A 181 17.68 9.03 1.42
C ARG A 181 17.63 7.68 2.14
N ARG A 182 18.21 7.63 3.33
CA ARG A 182 18.12 6.45 4.17
C ARG A 182 17.77 6.87 5.59
N GLU A 183 16.66 6.35 6.10
CA GLU A 183 16.24 6.64 7.46
C GLU A 183 16.55 5.46 8.36
N ARG A 184 17.27 5.68 9.43
CA ARG A 184 17.58 4.65 10.38
C ARG A 184 16.35 4.12 11.14
N PRO A 185 16.28 2.82 11.30
CA PRO A 185 15.22 2.26 12.14
C PRO A 185 15.49 2.55 13.61
N GLU A 186 14.43 2.82 14.36
CA GLU A 186 14.51 2.89 15.81
C GLU A 186 13.75 1.68 16.35
N VAL A 187 14.43 0.87 17.15
CA VAL A 187 13.92 -0.46 17.47
C VAL A 187 13.48 -0.59 18.91
N ARG A 188 12.41 -1.36 19.13
CA ARG A 188 11.98 -1.72 20.47
C ARG A 188 11.81 -3.22 20.61
N VAL A 189 12.37 -3.76 21.69
CA VAL A 189 12.21 -5.16 22.03
C VAL A 189 11.42 -5.27 23.32
N TRP A 190 10.35 -6.02 23.34
CA TRP A 190 9.46 -6.10 24.47
C TRP A 190 9.15 -7.58 24.76
N GLY A 191 8.72 -7.90 25.94
CA GLY A 191 8.38 -9.27 26.27
C GLY A 191 7.12 -9.29 27.08
N LYS A 192 6.34 -10.32 26.88
CA LYS A 192 5.09 -10.45 27.56
C LYS A 192 4.85 -11.80 28.19
N GLU A 193 4.63 -11.88 29.48
CA GLU A 193 4.95 -13.15 30.14
C GLU A 193 4.11 -14.39 30.25
N ALA A 194 3.00 -14.63 29.53
CA ALA A 194 1.66 -14.18 29.60
C ALA A 194 0.95 -15.40 29.94
N ASP A 195 1.10 -16.33 29.05
CA ASP A 195 0.67 -17.73 29.35
C ASP A 195 1.44 -19.12 29.50
N GLY A 196 2.34 -19.21 30.48
CA GLY A 196 3.37 -20.21 30.50
C GLY A 196 4.27 -20.10 29.30
N ILE A 197 4.09 -19.01 28.55
CA ILE A 197 4.85 -18.75 27.35
C ILE A 197 5.38 -17.35 27.30
N LEU A 198 6.67 -17.22 27.08
CA LEU A 198 7.23 -15.89 26.89
C LEU A 198 7.17 -15.53 25.41
N THR A 199 6.51 -14.42 25.09
CA THR A 199 6.47 -13.94 23.72
C THR A 199 7.33 -12.69 23.57
N LEU A 200 8.43 -12.82 22.84
CA LEU A 200 9.31 -11.69 22.58
C LEU A 200 8.89 -10.99 21.30
N SER A 201 8.95 -9.67 21.32
CA SER A 201 8.56 -8.87 20.16
C SER A 201 9.66 -7.88 19.79
N CYS A 202 9.96 -7.82 18.49
CA CYS A 202 10.92 -6.84 17.99
C CYS A 202 10.24 -5.96 16.95
N ARG A 203 10.31 -4.66 17.15
CA ARG A 203 9.72 -3.71 16.21
C ARG A 203 10.75 -2.72 15.70
N ALA A 204 10.86 -2.61 14.38
CA ALA A 204 11.70 -1.60 13.75
C ALA A 204 10.82 -0.45 13.25
N HIS A 205 10.99 0.73 13.85
CA HIS A 205 10.17 1.89 13.53
C HIS A 205 10.89 2.88 12.62
N GLY A 206 10.23 3.28 11.54
CA GLY A 206 10.65 4.42 10.74
C GLY A 206 11.85 4.25 9.82
N PHE A 207 12.09 3.04 9.34
CA PHE A 207 13.18 2.82 8.40
C PHE A 207 12.79 3.19 6.97
N TYR A 208 13.80 3.47 6.16
CA TYR A 208 13.62 3.77 4.74
C TYR A 208 14.98 3.60 4.09
N PRO A 209 15.04 2.95 2.91
CA PRO A 209 13.90 2.47 2.11
C PRO A 209 13.24 1.22 2.69
N ARG A 210 12.33 0.64 1.92
CA ARG A 210 11.48 -0.45 2.38
C ARG A 210 12.21 -1.75 2.75
N PRO A 211 13.11 -2.22 1.88
CA PRO A 211 13.74 -3.52 2.13
C PRO A 211 14.41 -3.58 3.49
N ILE A 212 14.13 -4.65 4.24
CA ILE A 212 14.74 -4.84 5.55
C ILE A 212 14.75 -6.33 5.90
N ALA A 213 15.71 -6.74 6.72
CA ALA A 213 15.78 -8.12 7.17
C ALA A 213 15.84 -8.18 8.70
N VAL A 214 14.78 -8.68 9.31
CA VAL A 214 14.70 -8.75 10.76
C VAL A 214 14.60 -10.20 11.22
N SER A 215 15.52 -10.59 12.10
CA SER A 215 15.62 -11.99 12.53
C SER A 215 15.80 -12.11 14.04
N TRP A 216 15.38 -13.24 14.58
CA TRP A 216 15.62 -13.55 15.98
C TRP A 216 16.78 -14.51 16.11
N LEU A 217 17.69 -14.20 17.03
CA LEU A 217 18.80 -15.09 17.34
C LEU A 217 18.61 -15.67 18.74
N LYS A 218 19.03 -16.92 18.91
CA LYS A 218 19.10 -17.53 20.22
C LYS A 218 20.50 -18.08 20.45
N ASP A 219 21.16 -17.59 21.49
CA ASP A 219 22.54 -17.98 21.76
C ASP A 219 23.43 -17.70 20.56
N GLY A 220 23.11 -16.65 19.82
CA GLY A 220 23.91 -16.24 18.67
C GLY A 220 23.48 -16.84 17.34
N ALA A 221 22.69 -17.91 17.39
CA ALA A 221 22.27 -18.61 16.19
C ALA A 221 20.86 -18.23 15.75
N VAL A 222 20.65 -18.12 14.44
CA VAL A 222 19.36 -17.74 13.89
C VAL A 222 18.26 -18.72 14.30
N GLN A 223 17.09 -18.21 14.63
CA GLN A 223 15.95 -18.95 15.11
C GLN A 223 14.69 -18.47 14.54
N GLY A 224 14.18 -18.93 13.43
CA GLY A 224 13.62 -20.20 13.21
C GLY A 224 12.24 -20.38 13.78
N GLN A 225 12.12 -21.28 14.73
CA GLN A 225 10.82 -21.80 15.09
C GLN A 225 10.03 -20.90 15.98
N ASP A 226 8.75 -20.91 15.70
CA ASP A 226 7.80 -20.07 16.36
C ASP A 226 8.11 -18.59 16.19
N ALA A 227 8.78 -18.25 15.11
CA ALA A 227 8.91 -16.88 14.71
C ALA A 227 7.74 -16.51 13.86
N GLN A 228 7.18 -15.36 14.13
CA GLN A 228 6.10 -14.85 13.36
C GLN A 228 6.41 -13.40 12.93
N SER A 229 6.15 -13.12 11.68
CA SER A 229 6.42 -11.79 11.12
C SER A 229 5.16 -11.15 10.60
N GLY A 230 5.06 -9.83 10.74
CA GLY A 230 3.92 -9.09 10.26
C GLY A 230 4.18 -8.44 8.91
N GLY A 231 5.34 -8.73 8.34
CA GLY A 231 5.74 -8.12 7.08
C GLY A 231 6.01 -6.64 7.26
N ILE A 232 6.12 -5.92 6.15
CA ILE A 232 6.42 -4.49 6.19
C ILE A 232 5.15 -3.66 6.00
N VAL A 233 4.92 -2.72 6.91
CA VAL A 233 3.73 -1.88 6.87
C VAL A 233 4.11 -0.40 6.93
N PRO A 234 3.30 0.45 6.35
CA PRO A 234 3.65 1.85 6.16
C PRO A 234 3.37 2.79 7.34
N ASN A 235 4.23 3.80 7.50
CA ASN A 235 3.93 4.92 8.38
C ASN A 235 3.34 6.04 7.52
N GLY A 236 2.76 7.05 8.18
CA GLY A 236 2.13 8.14 7.45
C GLY A 236 3.12 8.99 6.67
N ASP A 237 4.37 9.00 7.12
CA ASP A 237 5.39 9.90 6.57
C ASP A 237 6.23 9.27 5.46
N GLY A 238 5.81 8.11 4.98
CA GLY A 238 6.52 7.44 3.91
C GLY A 238 7.57 6.45 4.39
N THR A 239 7.94 6.51 5.66
CA THR A 239 8.84 5.52 6.22
C THR A 239 8.06 4.25 6.52
N TYR A 240 8.76 3.21 6.98
CA TYR A 240 8.13 1.91 7.14
C TYR A 240 8.28 1.32 8.54
N HIS A 241 7.57 0.23 8.77
CA HIS A 241 7.51 -0.41 10.08
C HIS A 241 7.41 -1.92 9.87
N THR A 242 8.05 -2.69 10.76
CA THR A 242 7.90 -4.13 10.75
C THR A 242 8.04 -4.70 12.15
N TRP A 243 7.31 -5.77 12.43
CA TRP A 243 7.40 -6.40 13.74
C TRP A 243 7.55 -7.91 13.61
N VAL A 244 8.46 -8.47 14.39
CA VAL A 244 8.67 -9.91 14.42
C VAL A 244 8.59 -10.40 15.86
N THR A 245 7.89 -11.50 16.06
CA THR A 245 7.78 -12.08 17.40
C THR A 245 8.33 -13.49 17.40
N ILE A 246 8.58 -14.01 18.60
CA ILE A 246 9.05 -15.37 18.76
C ILE A 246 8.66 -15.87 20.14
N ASP A 247 8.19 -17.11 20.20
CA ASP A 247 7.80 -17.71 21.47
C ASP A 247 8.99 -18.38 22.13
N ALA A 248 9.16 -18.13 23.41
CA ALA A 248 10.26 -18.70 24.18
C ALA A 248 9.76 -19.21 25.51
N GLN A 249 10.64 -19.87 26.26
CA GLN A 249 10.30 -20.31 27.61
C GLN A 249 10.64 -19.20 28.59
N PRO A 250 9.70 -18.88 29.49
CA PRO A 250 9.92 -17.82 30.48
C PRO A 250 11.25 -18.01 31.20
N GLY A 251 12.02 -16.93 31.33
CA GLY A 251 13.33 -17.00 31.95
C GLY A 251 14.46 -17.09 30.94
N ASP A 252 14.13 -17.43 29.70
CA ASP A 252 15.11 -17.55 28.64
C ASP A 252 15.28 -16.25 27.87
N GLY A 253 14.69 -15.17 28.39
CA GLY A 253 14.73 -13.88 27.73
C GLY A 253 16.12 -13.42 27.33
N ASP A 254 17.08 -13.67 28.21
CA ASP A 254 18.46 -13.21 27.99
C ASP A 254 19.17 -13.88 26.82
N LYS A 255 18.62 -15.00 26.35
CA LYS A 255 19.26 -15.78 25.29
C LYS A 255 18.95 -15.23 23.90
N TYR A 256 17.99 -14.33 23.83
CA TYR A 256 17.48 -13.88 22.53
C TYR A 256 17.94 -12.49 22.13
N GLN A 257 18.28 -12.35 20.85
CA GLN A 257 18.61 -11.06 20.27
C GLN A 257 17.85 -10.86 18.98
N CYS A 258 17.31 -9.66 18.79
CA CYS A 258 16.75 -9.28 17.51
C CYS A 258 17.87 -8.73 16.64
N ARG A 259 17.92 -9.18 15.39
CA ARG A 259 18.94 -8.73 14.46
C ARG A 259 18.30 -7.98 13.30
N VAL A 260 18.74 -6.74 13.10
CA VAL A 260 18.16 -5.90 12.05
C VAL A 260 19.20 -5.55 10.99
N GLU A 261 18.89 -5.92 9.75
CA GLU A 261 19.74 -5.59 8.63
C GLU A 261 19.02 -4.62 7.69
N HIS A 262 19.61 -3.45 7.48
CA HIS A 262 18.99 -2.41 6.67
C HIS A 262 20.06 -1.51 6.06
N ALA A 263 19.73 -0.89 4.94
CA ALA A 263 20.69 -0.08 4.18
C ALA A 263 21.23 1.10 4.98
N SER A 264 20.45 1.58 5.94
CA SER A 264 20.83 2.75 6.72
C SER A 264 21.90 2.40 7.77
N LEU A 265 22.06 1.11 8.04
CA LEU A 265 23.01 0.66 9.05
C LEU A 265 24.28 0.08 8.41
N PRO A 266 25.44 0.61 8.79
CA PRO A 266 26.72 0.15 8.25
C PRO A 266 27.02 -1.28 8.69
N GLN A 267 26.41 -1.68 9.80
CA GLN A 267 26.59 -3.01 10.36
C GLN A 267 25.26 -3.45 10.97
N PRO A 268 24.90 -4.73 10.81
CA PRO A 268 23.63 -5.22 11.36
C PRO A 268 23.49 -4.92 12.84
N GLY A 269 22.31 -4.44 13.23
CA GLY A 269 22.05 -4.10 14.62
C GLY A 269 21.59 -5.28 15.45
N LEU A 270 22.09 -5.36 16.67
CA LEU A 270 21.68 -6.40 17.62
C LEU A 270 20.96 -5.77 18.79
N TYR A 271 19.77 -6.28 19.10
CA TYR A 271 18.94 -5.68 20.14
C TYR A 271 18.49 -6.74 21.15
N SER A 272 18.60 -6.41 22.43
CA SER A 272 18.16 -7.31 23.48
C SER A 272 16.95 -6.73 24.22
N TRP A 273 16.22 -7.61 24.91
CA TRP A 273 15.08 -7.19 25.69
C TRP A 273 15.56 -6.46 26.94
N PHE B 3 -13.06 -14.37 -4.41
CA PHE B 3 -14.09 -14.17 -3.42
C PHE B 3 -13.61 -13.09 -2.50
N ASP B 4 -14.38 -12.86 -1.48
CA ASP B 4 -14.11 -11.82 -0.55
C ASP B 4 -12.97 -12.21 0.35
N LEU B 5 -12.24 -11.23 0.82
CA LEU B 5 -11.07 -11.49 1.64
C LEU B 5 -11.11 -10.58 2.88
N THR B 6 -10.97 -11.18 4.05
CA THR B 6 -11.01 -10.44 5.30
C THR B 6 -9.74 -9.62 5.52
N PRO B 7 -9.88 -8.45 6.17
CA PRO B 7 -8.74 -7.57 6.45
C PRO B 7 -7.75 -8.21 7.41
N LYS B 8 -6.45 -8.01 7.14
CA LYS B 8 -5.42 -8.29 8.12
C LYS B 8 -5.01 -6.96 8.73
N VAL B 9 -5.20 -6.81 10.03
CA VAL B 9 -5.04 -5.52 10.68
C VAL B 9 -3.83 -5.50 11.60
N GLN B 10 -3.13 -4.37 11.62
CA GLN B 10 -2.03 -4.16 12.56
C GLN B 10 -2.11 -2.77 13.16
N VAL B 11 -2.00 -2.70 14.49
CA VAL B 11 -1.98 -1.44 15.21
C VAL B 11 -0.59 -1.22 15.78
N TYR B 12 0.00 -0.07 15.49
CA TYR B 12 1.36 0.21 15.89
C TYR B 12 1.61 1.71 15.97
N SER B 13 2.62 2.10 16.74
CA SER B 13 2.96 3.51 16.86
C SER B 13 4.11 3.87 15.93
N ARG B 14 4.17 5.14 15.53
CA ARG B 14 5.19 5.62 14.61
C ARG B 14 6.60 5.43 15.18
N PHE B 15 6.77 5.82 16.43
CA PHE B 15 8.05 5.64 17.12
C PHE B 15 7.86 4.69 18.30
N PRO B 16 8.96 4.07 18.75
CA PRO B 16 8.89 3.32 20.01
C PRO B 16 8.26 4.21 21.07
N ALA B 17 7.26 3.70 21.78
CA ALA B 17 6.46 4.56 22.66
C ALA B 17 7.10 4.80 24.03
N SER B 18 6.88 6.01 24.55
CA SER B 18 7.25 6.33 25.92
C SER B 18 6.31 7.42 26.40
N ALA B 19 5.75 7.23 27.59
CA ALA B 19 4.79 8.18 28.13
C ALA B 19 5.28 9.61 28.03
N GLY B 20 4.42 10.51 27.55
CA GLY B 20 4.75 11.92 27.47
C GLY B 20 5.50 12.34 26.21
N THR B 21 5.86 11.38 25.37
CA THR B 21 6.59 11.68 24.14
C THR B 21 5.68 11.65 22.92
N LYS B 22 5.71 12.73 22.14
CA LYS B 22 4.85 12.83 20.97
C LYS B 22 5.07 11.69 19.99
N ASN B 23 3.97 11.15 19.48
CA ASN B 23 4.01 9.97 18.63
C ASN B 23 2.85 10.00 17.64
N VAL B 24 2.68 8.89 16.90
CA VAL B 24 1.56 8.75 15.98
C VAL B 24 1.03 7.33 16.09
N LEU B 25 -0.28 7.19 16.24
CA LEU B 25 -0.89 5.87 16.32
C LEU B 25 -1.36 5.43 14.94
N ASN B 26 -0.89 4.27 14.51
CA ASN B 26 -1.24 3.76 13.19
C ASN B 26 -2.14 2.53 13.27
N CYS B 27 -3.09 2.46 12.35
CA CYS B 27 -3.84 1.23 12.13
C CYS B 27 -3.84 0.92 10.64
N PHE B 28 -3.31 -0.25 10.29
CA PHE B 28 -3.18 -0.62 8.89
C PHE B 28 -3.99 -1.87 8.58
N ALA B 29 -4.91 -1.74 7.63
CA ALA B 29 -5.70 -2.87 7.18
C ALA B 29 -5.32 -3.19 5.74
N ALA B 30 -5.11 -4.46 5.44
CA ALA B 30 -4.72 -4.86 4.09
C ALA B 30 -5.23 -6.24 3.72
N GLY B 31 -5.08 -6.58 2.43
CA GLY B 31 -5.42 -7.90 1.93
C GLY B 31 -6.91 -8.20 1.88
N PHE B 32 -7.73 -7.16 1.82
CA PHE B 32 -9.17 -7.35 1.87
C PHE B 32 -9.89 -7.02 0.56
N HIS B 33 -11.13 -7.50 0.47
CA HIS B 33 -12.01 -7.23 -0.66
C HIS B 33 -13.42 -7.61 -0.23
N PRO B 34 -14.42 -6.79 -0.57
CA PRO B 34 -14.42 -5.54 -1.34
C PRO B 34 -13.71 -4.38 -0.63
N PRO B 35 -13.46 -3.28 -1.35
CA PRO B 35 -12.75 -2.11 -0.83
C PRO B 35 -13.47 -1.40 0.33
N LYS B 36 -14.80 -1.41 0.35
CA LYS B 36 -15.52 -0.73 1.42
C LYS B 36 -15.09 -1.27 2.78
N ILE B 37 -14.73 -0.37 3.68
CA ILE B 37 -14.30 -0.77 5.01
C ILE B 37 -14.37 0.38 6.00
N SER B 38 -14.60 0.06 7.26
CA SER B 38 -14.60 1.06 8.32
C SER B 38 -13.43 0.80 9.27
N ILE B 39 -12.59 1.80 9.45
CA ILE B 39 -11.44 1.72 10.33
C ILE B 39 -11.46 2.92 11.28
N THR B 40 -11.49 2.65 12.58
CA THR B 40 -11.60 3.70 13.57
C THR B 40 -10.59 3.57 14.70
N LEU B 41 -9.70 4.55 14.80
CA LEU B 41 -8.76 4.61 15.91
C LEU B 41 -9.53 4.90 17.19
N MET B 42 -9.22 4.15 18.25
CA MET B 42 -9.93 4.30 19.51
C MET B 42 -8.97 4.70 20.63
N LYS B 43 -9.45 5.58 21.50
CA LYS B 43 -8.72 5.92 22.72
C LYS B 43 -9.68 5.87 23.90
N ASP B 44 -9.33 5.07 24.91
CA ASP B 44 -10.14 4.95 26.12
C ASP B 44 -11.61 4.64 25.81
N GLY B 45 -11.84 3.71 24.88
CA GLY B 45 -13.17 3.23 24.58
C GLY B 45 -13.99 4.08 23.63
N VAL B 46 -13.40 5.14 23.10
CA VAL B 46 -14.12 6.08 22.26
C VAL B 46 -13.28 6.52 21.05
N PRO B 47 -13.94 6.80 19.92
CA PRO B 47 -13.26 7.22 18.69
C PRO B 47 -12.17 8.27 18.95
N MET B 48 -10.95 7.97 18.50
CA MET B 48 -9.80 8.82 18.75
C MET B 48 -9.83 10.10 17.93
N GLU B 49 -9.15 11.12 18.44
CA GLU B 49 -9.17 12.45 17.83
C GLU B 49 -8.01 12.64 16.84
N GLY B 50 -8.30 13.30 15.72
CA GLY B 50 -7.27 13.67 14.76
C GLY B 50 -6.88 12.61 13.74
N ALA B 51 -7.75 11.64 13.51
CA ALA B 51 -7.46 10.55 12.59
C ALA B 51 -7.41 11.02 11.14
N GLN B 52 -6.42 10.54 10.39
CA GLN B 52 -6.31 10.81 8.97
C GLN B 52 -6.36 9.49 8.19
N TYR B 53 -6.98 9.52 7.02
CA TYR B 53 -7.24 8.32 6.25
C TYR B 53 -6.55 8.35 4.89
N SER B 54 -5.84 7.28 4.54
CA SER B 54 -5.22 7.18 3.23
C SER B 54 -6.28 6.95 2.16
N ASP B 55 -6.06 7.50 0.98
CA ASP B 55 -6.98 7.28 -0.13
C ASP B 55 -6.89 5.83 -0.59
N MET B 56 -8.02 5.30 -1.06
CA MET B 56 -8.13 3.88 -1.39
C MET B 56 -7.05 3.43 -2.37
N SER B 57 -6.34 2.36 -2.01
CA SER B 57 -5.25 1.83 -2.81
C SER B 57 -5.22 0.32 -2.72
N PHE B 58 -4.44 -0.33 -3.58
CA PHE B 58 -4.35 -1.79 -3.56
C PHE B 58 -2.95 -2.32 -3.88
N ASN B 59 -2.73 -3.58 -3.53
CA ASN B 59 -1.44 -4.24 -3.66
C ASN B 59 -1.28 -4.93 -5.02
N ASP B 60 -0.12 -5.52 -5.26
CA ASP B 60 0.16 -6.22 -6.51
C ASP B 60 -0.85 -7.33 -6.80
N ASP B 61 -1.35 -7.96 -5.74
CA ASP B 61 -2.32 -9.05 -5.89
C ASP B 61 -3.75 -8.55 -5.95
N TRP B 62 -3.91 -7.24 -6.18
CA TRP B 62 -5.22 -6.59 -6.33
C TRP B 62 -5.93 -6.32 -5.01
N THR B 63 -5.44 -6.87 -3.90
CA THR B 63 -6.10 -6.69 -2.62
C THR B 63 -5.97 -5.26 -2.10
N PHE B 64 -7.05 -4.75 -1.52
CA PHE B 64 -7.09 -3.36 -1.06
C PHE B 64 -6.42 -3.20 0.31
N GLN B 65 -6.04 -1.96 0.62
CA GLN B 65 -5.42 -1.65 1.89
C GLN B 65 -5.63 -0.18 2.26
N ARG B 66 -5.54 0.11 3.55
CA ARG B 66 -5.70 1.47 4.03
C ARG B 66 -4.94 1.72 5.33
N LEU B 67 -4.30 2.88 5.42
CA LEU B 67 -3.64 3.32 6.64
C LEU B 67 -4.45 4.45 7.28
N VAL B 68 -4.70 4.30 8.58
CA VAL B 68 -5.29 5.38 9.36
C VAL B 68 -4.30 5.74 10.46
N HIS B 69 -4.03 7.03 10.62
CA HIS B 69 -3.09 7.47 11.64
C HIS B 69 -3.52 8.78 12.29
N ALA B 70 -3.17 8.93 13.57
CA ALA B 70 -3.50 10.13 14.32
C ALA B 70 -2.36 10.46 15.28
N ASP B 71 -1.97 11.73 15.29
CA ASP B 71 -0.95 12.19 16.23
C ASP B 71 -1.46 12.05 17.65
N PHE B 72 -0.58 11.61 18.55
CA PHE B 72 -0.97 11.49 19.95
C PHE B 72 0.25 11.43 20.86
N THR B 73 0.02 11.64 22.16
CA THR B 73 1.06 11.53 23.16
C THR B 73 0.67 10.43 24.12
N PRO B 74 1.29 9.30 24.01
CA PRO B 74 0.90 8.17 24.80
C PRO B 74 1.00 8.39 26.31
N SER B 75 -0.01 7.89 27.00
CA SER B 75 -0.18 8.00 28.43
C SER B 75 -0.44 6.64 29.03
N SER B 76 0.29 6.28 30.05
CA SER B 76 -0.09 5.11 30.80
C SER B 76 -1.44 5.40 31.46
N GLY B 77 -2.32 4.46 31.55
CA GLY B 77 -3.61 4.88 32.04
C GLY B 77 -4.65 5.34 31.05
N SER B 78 -4.24 5.42 29.80
CA SER B 78 -5.14 5.47 28.71
C SER B 78 -4.97 4.20 27.89
N THR B 79 -6.04 3.75 27.26
CA THR B 79 -6.01 2.60 26.37
C THR B 79 -6.15 3.07 24.93
N TYR B 80 -5.56 2.32 24.00
CA TYR B 80 -5.66 2.66 22.59
C TYR B 80 -5.94 1.40 21.78
N ALA B 81 -6.68 1.53 20.69
CA ALA B 81 -7.03 0.39 19.87
C ALA B 81 -7.53 0.82 18.50
N CYS B 82 -7.79 -0.16 17.64
CA CYS B 82 -8.33 0.10 16.32
C CYS B 82 -9.52 -0.80 16.05
N LYS B 83 -10.64 -0.19 15.69
CA LYS B 83 -11.88 -0.93 15.46
C LYS B 83 -12.16 -1.00 13.98
N VAL B 84 -12.31 -2.23 13.47
CA VAL B 84 -12.49 -2.43 12.04
C VAL B 84 -13.80 -3.13 11.71
N GLU B 85 -14.56 -2.55 10.78
CA GLU B 85 -15.78 -3.18 10.29
C GLU B 85 -15.65 -3.44 8.79
N HIS B 86 -16.02 -4.66 8.39
CA HIS B 86 -15.94 -5.09 7.00
C HIS B 86 -16.97 -6.18 6.75
N GLU B 87 -17.51 -6.24 5.54
CA GLU B 87 -18.60 -7.16 5.25
C GLU B 87 -18.21 -8.64 5.36
N THR B 88 -16.93 -8.92 5.49
CA THR B 88 -16.47 -10.30 5.76
C THR B 88 -16.52 -10.59 7.25
N LEU B 89 -16.73 -9.55 8.04
CA LEU B 89 -16.79 -9.69 9.50
C LEU B 89 -18.22 -9.63 9.99
N LYS B 90 -18.59 -10.55 10.87
CA LYS B 90 -19.94 -10.60 11.42
C LYS B 90 -20.12 -9.53 12.50
N GLU B 91 -19.02 -9.13 13.12
CA GLU B 91 -19.04 -8.06 14.11
C GLU B 91 -17.77 -7.24 13.99
N PRO B 92 -17.78 -6.02 14.54
CA PRO B 92 -16.56 -5.20 14.55
C PRO B 92 -15.44 -5.92 15.28
N GLN B 93 -14.25 -5.95 14.68
CA GLN B 93 -13.08 -6.54 15.33
C GLN B 93 -12.21 -5.43 15.92
N VAL B 94 -11.87 -5.56 17.19
CA VAL B 94 -11.08 -4.53 17.87
C VAL B 94 -9.65 -5.03 18.12
N TYR B 95 -8.68 -4.26 17.65
CA TYR B 95 -7.27 -4.61 17.81
C TYR B 95 -6.60 -3.64 18.79
N LYS B 96 -6.25 -4.15 19.96
CA LYS B 96 -5.63 -3.33 20.99
C LYS B 96 -4.16 -3.03 20.68
N TRP B 97 -3.74 -1.80 20.94
CA TRP B 97 -2.33 -1.43 20.78
C TRP B 97 -1.58 -1.65 22.09
N ASP B 98 -0.49 -2.42 22.04
CA ASP B 98 0.34 -2.60 23.22
C ASP B 98 1.43 -1.54 23.23
N PRO B 99 1.42 -0.68 24.26
CA PRO B 99 2.40 0.41 24.35
C PRO B 99 3.82 -0.14 24.38
N GLU B 100 3.98 -1.36 24.87
CA GLU B 100 5.29 -1.98 25.02
C GLU B 100 6.20 -1.09 25.87
N PHE B 101 5.61 -0.43 26.86
CA PHE B 101 6.37 0.33 27.85
C PHE B 101 5.62 0.39 29.17
N ARG C 1 3.68 10.88 -15.93
CA ARG C 1 2.36 11.28 -16.29
C ARG C 1 1.44 10.11 -16.49
N ARG C 2 0.22 10.27 -16.08
CA ARG C 2 -0.82 9.29 -16.36
C ARG C 2 -1.02 9.09 -17.86
N GLU C 3 -1.54 7.91 -18.23
CA GLU C 3 -1.83 7.60 -19.62
C GLU C 3 -3.26 7.10 -19.75
N VAL C 4 -4.04 7.75 -20.62
CA VAL C 4 -5.41 7.34 -20.85
C VAL C 4 -5.43 5.96 -21.52
N HIS C 5 -6.22 5.06 -20.97
CA HIS C 5 -6.44 3.76 -21.61
C HIS C 5 -7.80 3.93 -22.26
N THR C 6 -8.44 2.83 -22.68
CA THR C 6 -9.73 2.97 -23.32
C THR C 6 -10.90 2.10 -22.83
N TYR C 7 -12.05 2.22 -23.49
CA TYR C 7 -13.28 1.59 -22.99
C TYR C 7 -13.21 0.07 -22.96
N TYR C 8 -13.69 -0.52 -21.88
CA TYR C 8 -13.78 -1.98 -21.78
C TYR C 8 -14.79 -2.54 -22.77
#